data_1K5R
#
_entry.id   1K5R
#
_cell.length_a   ?
_cell.length_b   ?
_cell.length_c   ?
_cell.angle_alpha   ?
_cell.angle_beta   ?
_cell.angle_gamma   ?
#
loop_
_entity.id
_entity.type
_entity.pdbx_description
1 polymer '65 KDA YES-ASSOCIATED PROTEIN'
2 polymer 'Fragment of WBP-1'
#
loop_
_entity_poly.entity_id
_entity_poly.type
_entity_poly.pdbx_seq_one_letter_code
_entity_poly.pdbx_strand_id
1 'polypeptide(L)' FEIPDDVPLPAGWEMAKTS(ESD)GQRYFLNHIDQTTTWQDPRK(NH2) A
2 'polypeptide(L)' GTPPPPYTVG B
#
loop_
_chem_comp.id
_chem_comp.type
_chem_comp.name
_chem_comp.formula
ESD non-polymer '(2-AMINO-ETHYLSULFANYL)-ACETIC ACID' 'C4 H9 N O2 S'
NH2 non-polymer 'AMINO GROUP' 'H2 N'
#
# COMPACT_ATOMS: atom_id res chain seq x y z
N PHE A 1 4.55 -0.90 -17.59
CA PHE A 1 3.77 0.28 -17.15
C PHE A 1 3.77 0.37 -15.61
N GLU A 2 3.75 -0.75 -14.95
CA GLU A 2 3.75 -0.75 -13.45
C GLU A 2 2.53 0.01 -12.92
N ILE A 3 1.60 -0.72 -12.31
CA ILE A 3 0.36 -0.08 -11.74
C ILE A 3 -0.17 1.07 -12.63
N PRO A 4 -0.34 0.77 -13.89
CA PRO A 4 -0.85 1.79 -14.84
C PRO A 4 -2.33 2.09 -14.57
N ASP A 5 -3.24 1.39 -15.20
CA ASP A 5 -4.70 1.65 -14.96
C ASP A 5 -4.99 3.15 -15.06
N ASP A 6 -4.19 3.88 -15.79
CA ASP A 6 -4.44 5.35 -15.92
C ASP A 6 -4.51 6.00 -14.54
N VAL A 7 -3.95 5.37 -13.55
CA VAL A 7 -3.98 5.95 -12.17
C VAL A 7 -2.66 5.67 -11.44
N PRO A 8 -1.88 6.70 -11.23
CA PRO A 8 -0.58 6.54 -10.55
C PRO A 8 -0.78 6.39 -9.04
N LEU A 9 0.27 6.58 -8.27
CA LEU A 9 0.14 6.46 -6.79
C LEU A 9 -1.07 7.24 -6.28
N PRO A 10 -1.76 6.68 -5.30
CA PRO A 10 -2.94 7.36 -4.74
C PRO A 10 -2.54 8.67 -4.03
N ALA A 11 -3.36 9.69 -4.16
CA ALA A 11 -3.03 11.02 -3.54
C ALA A 11 -3.31 11.03 -2.04
N GLY A 12 -2.34 11.47 -1.26
CA GLY A 12 -2.53 11.52 0.22
C GLY A 12 -2.20 10.14 0.78
N TRP A 13 -1.20 9.51 0.22
CA TRP A 13 -0.83 8.15 0.69
C TRP A 13 0.65 8.09 1.07
N GLU A 14 1.09 6.99 1.62
CA GLU A 14 2.51 6.86 2.02
C GLU A 14 2.91 5.38 2.09
N MET A 15 3.12 4.75 0.95
CA MET A 15 3.48 3.31 0.95
C MET A 15 4.58 3.00 1.98
N ALA A 16 4.71 1.75 2.35
CA ALA A 16 5.74 1.37 3.34
C ALA A 16 6.00 -0.14 3.24
N LYS A 17 6.29 -0.79 4.33
CA LYS A 17 6.53 -2.26 4.27
C LYS A 17 6.07 -2.94 5.55
N THR A 18 5.31 -3.99 5.44
CA THR A 18 4.81 -4.70 6.65
C THR A 18 5.99 -5.31 7.41
N SER A 19 5.72 -6.24 8.29
CA SER A 19 6.83 -6.88 9.06
C SER A 19 7.46 -8.00 8.24
N ESD A 20 8.03 -7.67 7.11
CG ESD A 20 8.96 -8.05 4.94
SB ESD A 20 9.13 -9.30 3.65
CD ESD A 20 8.67 -8.73 6.28
C1 ESD A 20 9.97 -8.24 2.40
C ESD A 20 9.44 -8.17 1.02
O ESD A 20 10.15 -7.91 0.07
H ESD A 20 8.03 -6.74 6.82
HG1 ESD A 20 9.87 -7.48 5.01
HG2 ESD A 20 8.15 -7.38 4.69
HD2 ESD A 20 7.99 -9.56 6.13
HD1 ESD A 20 9.59 -9.07 6.74
HA2 ESD A 20 11.14 -8.36 2.58
HA1 ESD A 20 9.67 -7.32 2.48
N GLY A 21 8.16 -8.40 0.86
CA GLY A 21 7.56 -8.35 -0.49
C GLY A 21 6.13 -7.80 -0.40
N GLN A 22 5.36 -7.93 -1.46
CA GLN A 22 3.94 -7.42 -1.45
C GLN A 22 3.93 -5.89 -1.37
N ARG A 23 4.46 -5.33 -0.32
CA ARG A 23 4.47 -3.84 -0.18
C ARG A 23 3.04 -3.29 -0.29
N TYR A 24 2.87 -2.02 -0.05
CA TYR A 24 1.50 -1.43 -0.14
C TYR A 24 1.59 0.09 -0.02
N PHE A 25 0.58 0.79 -0.47
CA PHE A 25 0.61 2.27 -0.41
C PHE A 25 0.12 2.80 0.94
N LEU A 26 -0.08 1.93 1.86
CA LEU A 26 -0.52 2.35 3.22
C LEU A 26 -1.68 3.35 3.13
N ASN A 27 -2.90 2.87 3.20
CA ASN A 27 -4.07 3.79 3.11
C ASN A 27 -4.39 4.39 4.48
N HIS A 28 -3.43 5.01 5.11
CA HIS A 28 -3.69 5.61 6.44
C HIS A 28 -4.83 6.63 6.36
N ILE A 29 -4.92 7.33 5.26
CA ILE A 29 -6.02 8.34 5.11
C ILE A 29 -7.38 7.69 5.39
N ASP A 30 -7.60 6.49 4.92
CA ASP A 30 -8.91 5.83 5.16
C ASP A 30 -8.81 4.88 6.38
N GLN A 31 -8.48 3.63 6.17
CA GLN A 31 -8.36 2.68 7.31
C GLN A 31 -7.98 1.29 6.82
N THR A 32 -7.14 1.21 5.82
CA THR A 32 -6.74 -0.13 5.29
C THR A 32 -5.39 -0.03 4.57
N THR A 33 -5.10 -0.97 3.72
CA THR A 33 -3.80 -0.94 2.98
C THR A 33 -3.94 -1.68 1.64
N THR A 34 -3.50 -1.06 0.58
CA THR A 34 -3.61 -1.73 -0.76
C THR A 34 -2.76 -3.00 -0.78
N TRP A 35 -3.38 -4.12 -1.06
CA TRP A 35 -2.61 -5.41 -1.09
C TRP A 35 -2.49 -5.90 -2.54
N GLN A 36 -2.65 -5.04 -3.50
CA GLN A 36 -2.54 -5.46 -4.92
C GLN A 36 -2.68 -4.25 -5.85
N ASP A 37 -3.53 -3.33 -5.50
CA ASP A 37 -3.72 -2.11 -6.35
C ASP A 37 -4.74 -1.17 -5.69
N PRO A 38 -4.38 0.09 -5.59
CA PRO A 38 -5.29 1.09 -4.96
C PRO A 38 -6.44 1.43 -5.91
N ARG A 39 -6.24 1.22 -7.19
CA ARG A 39 -7.33 1.53 -8.17
C ARG A 39 -7.07 0.79 -9.48
N LYS A 40 -7.53 -0.42 -9.59
CA LYS A 40 -7.31 -1.19 -10.85
C LYS A 40 -8.59 -1.95 -11.23
N NH2 A 41 -8.74 -2.38 -12.46
HN1 NH2 A 41 -8.04 -2.20 -13.12
HN2 NH2 A 41 -9.55 -2.87 -12.71
N GLY B 1 3.74 -17.10 6.72
CA GLY B 1 2.52 -16.68 5.99
C GLY B 1 2.68 -15.23 5.54
N THR B 2 1.62 -14.62 5.06
CA THR B 2 1.71 -13.21 4.59
C THR B 2 0.81 -12.32 5.46
N PRO B 3 1.37 -11.81 6.53
CA PRO B 3 0.59 -10.93 7.44
C PRO B 3 0.37 -9.55 6.80
N PRO B 4 -0.74 -8.94 7.13
CA PRO B 4 -1.05 -7.61 6.56
C PRO B 4 -0.15 -6.53 7.18
N PRO B 5 -0.24 -5.33 6.66
CA PRO B 5 0.59 -4.22 7.17
C PRO B 5 0.08 -3.76 8.55
N PRO B 6 0.89 -2.98 9.23
CA PRO B 6 0.49 -2.48 10.58
C PRO B 6 -0.62 -1.44 10.45
N TYR B 7 -0.84 -0.67 11.48
CA TYR B 7 -1.92 0.37 11.43
C TYR B 7 -3.25 -0.30 11.05
N THR B 8 -3.84 -1.04 11.94
CA THR B 8 -5.14 -1.70 11.63
C THR B 8 -6.30 -0.86 12.17
N VAL B 9 -7.50 -1.35 12.05
CA VAL B 9 -8.68 -0.58 12.56
C VAL B 9 -8.49 -0.23 14.03
N GLY B 10 -8.77 1.00 14.40
CA GLY B 10 -8.60 1.40 15.82
C GLY B 10 -9.62 0.65 16.69
N PHE A 1 1.23 13.10 -13.35
CA PHE A 1 1.02 11.63 -13.48
C PHE A 1 2.08 10.87 -12.68
N GLU A 2 1.67 10.02 -11.79
CA GLU A 2 2.65 9.25 -10.98
C GLU A 2 3.21 8.08 -11.79
N ILE A 3 3.95 7.21 -11.17
CA ILE A 3 4.53 6.05 -11.92
C ILE A 3 3.42 5.29 -12.66
N PRO A 4 3.73 4.86 -13.87
CA PRO A 4 2.72 4.13 -14.67
C PRO A 4 2.53 2.70 -14.12
N ASP A 5 3.28 1.74 -14.59
CA ASP A 5 3.13 0.33 -14.08
C ASP A 5 1.77 -0.24 -14.48
N ASP A 6 0.71 0.28 -13.92
CA ASP A 6 -0.65 -0.24 -14.26
C ASP A 6 -1.72 0.78 -13.84
N VAL A 7 -1.55 1.37 -12.70
CA VAL A 7 -2.55 2.37 -12.22
C VAL A 7 -1.83 3.53 -11.52
N PRO A 8 -2.53 4.64 -11.39
CA PRO A 8 -1.93 5.83 -10.73
C PRO A 8 -1.83 5.61 -9.21
N LEU A 9 -0.66 5.80 -8.66
CA LEU A 9 -0.51 5.62 -7.18
C LEU A 9 -1.54 6.48 -6.44
N PRO A 10 -2.05 5.96 -5.35
CA PRO A 10 -3.06 6.69 -4.56
C PRO A 10 -2.44 7.94 -3.92
N ALA A 11 -3.14 9.05 -3.96
CA ALA A 11 -2.59 10.33 -3.39
C ALA A 11 -2.90 10.46 -1.91
N GLY A 12 -1.91 10.81 -1.12
CA GLY A 12 -2.12 10.95 0.34
C GLY A 12 -1.91 9.59 1.01
N TRP A 13 -1.17 8.72 0.37
CA TRP A 13 -0.92 7.37 0.95
C TRP A 13 0.53 7.24 1.38
N GLU A 14 0.79 6.60 2.48
CA GLU A 14 2.19 6.43 2.96
C GLU A 14 2.65 4.99 2.73
N MET A 15 2.43 4.48 1.55
CA MET A 15 2.84 3.07 1.23
C MET A 15 4.22 2.72 1.81
N ALA A 16 4.36 1.52 2.31
CA ALA A 16 5.67 1.09 2.89
C ALA A 16 5.90 -0.39 2.59
N LYS A 17 6.54 -1.10 3.48
CA LYS A 17 6.78 -2.55 3.23
C LYS A 17 6.48 -3.37 4.49
N THR A 18 5.74 -4.44 4.34
CA THR A 18 5.41 -5.28 5.53
C THR A 18 6.70 -5.76 6.21
N SER A 19 6.57 -6.41 7.34
CA SER A 19 7.78 -6.91 8.05
C SER A 19 8.49 -7.97 7.20
N ESD A 20 7.75 -8.86 6.59
CG ESD A 20 7.48 -11.13 5.90
SB ESD A 20 6.60 -11.41 4.34
CD ESD A 20 8.39 -9.90 5.75
C1 ESD A 20 8.04 -12.03 3.37
C ESD A 20 8.84 -11.05 2.57
O ESD A 20 10.00 -11.29 2.29
H ESD A 20 6.78 -8.83 6.70
HG1 ESD A 20 6.77 -10.94 6.69
HG2 ESD A 20 8.07 -11.99 6.14
HD2 ESD A 20 9.38 -10.13 6.12
HD1 ESD A 20 8.43 -9.59 4.73
HA2 ESD A 20 7.73 -13.06 2.92
HA1 ESD A 20 8.83 -12.08 3.94
N GLY A 21 8.25 -9.96 2.19
CA GLY A 21 8.99 -8.96 1.38
C GLY A 21 8.08 -8.37 0.30
N GLN A 22 7.49 -7.25 0.58
CA GLN A 22 6.57 -6.62 -0.43
C GLN A 22 6.11 -5.24 0.05
N ARG A 23 5.70 -4.40 -0.86
CA ARG A 23 5.24 -3.04 -0.46
C ARG A 23 3.72 -2.92 -0.64
N TYR A 24 3.11 -1.97 0.02
CA TYR A 24 1.64 -1.80 -0.13
C TYR A 24 1.25 -0.34 0.06
N PHE A 25 0.14 0.05 -0.46
CA PHE A 25 -0.30 1.46 -0.30
C PHE A 25 -1.17 1.60 0.94
N LEU A 26 -0.53 1.79 2.04
CA LEU A 26 -1.24 1.95 3.33
C LEU A 26 -2.25 3.10 3.23
N ASN A 27 -3.52 2.79 3.26
CA ASN A 27 -4.56 3.86 3.16
C ASN A 27 -4.81 4.49 4.54
N HIS A 28 -3.76 4.88 5.23
CA HIS A 28 -3.96 5.50 6.58
C HIS A 28 -4.83 6.75 6.45
N ILE A 29 -4.73 7.44 5.34
CA ILE A 29 -5.54 8.68 5.15
C ILE A 29 -7.00 8.44 5.54
N ASP A 30 -7.60 7.42 5.01
CA ASP A 30 -9.02 7.13 5.35
C ASP A 30 -9.34 5.64 5.17
N GLN A 31 -8.40 4.78 5.49
CA GLN A 31 -8.65 3.31 5.35
C GLN A 31 -7.41 2.51 5.79
N THR A 32 -7.24 1.32 5.28
CA THR A 32 -6.06 0.51 5.69
C THR A 32 -5.26 0.07 4.45
N THR A 33 -4.35 -0.85 4.61
CA THR A 33 -3.54 -1.31 3.44
C THR A 33 -4.46 -1.84 2.34
N THR A 34 -4.28 -1.41 1.13
CA THR A 34 -5.16 -1.89 0.02
C THR A 34 -4.64 -3.21 -0.53
N TRP A 35 -3.40 -3.25 -0.93
CA TRP A 35 -2.84 -4.51 -1.49
C TRP A 35 -3.71 -5.00 -2.65
N GLN A 36 -4.41 -4.11 -3.29
CA GLN A 36 -5.28 -4.54 -4.42
C GLN A 36 -5.79 -3.33 -5.21
N ASP A 37 -6.06 -2.25 -4.56
CA ASP A 37 -6.57 -1.05 -5.29
C ASP A 37 -5.55 -0.60 -6.35
N PRO A 38 -4.40 -0.14 -5.91
CA PRO A 38 -3.35 0.28 -6.87
C PRO A 38 -2.70 -0.94 -7.52
N ARG A 39 -1.55 -0.76 -8.12
CA ARG A 39 -0.87 -1.92 -8.76
C ARG A 39 0.61 -1.60 -9.00
N LYS A 40 1.45 -1.84 -8.03
CA LYS A 40 2.90 -1.56 -8.21
C LYS A 40 3.69 -2.11 -7.02
N NH2 A 41 4.92 -2.51 -7.20
HN1 NH2 A 41 5.32 -2.47 -8.09
HN2 NH2 A 41 5.43 -2.87 -6.45
N GLY B 1 -4.53 -17.48 5.76
CA GLY B 1 -4.04 -17.59 4.36
C GLY B 1 -3.97 -16.19 3.73
N THR B 2 -2.87 -15.86 3.12
CA THR B 2 -2.74 -14.52 2.49
C THR B 2 -3.07 -13.42 3.52
N PRO B 3 -2.33 -13.41 4.61
CA PRO B 3 -2.55 -12.41 5.66
C PRO B 3 -2.04 -11.03 5.20
N PRO B 4 -2.97 -10.12 4.99
CA PRO B 4 -2.59 -8.75 4.55
C PRO B 4 -1.93 -7.98 5.69
N PRO B 5 -1.24 -6.92 5.34
CA PRO B 5 -0.55 -6.10 6.37
C PRO B 5 -1.59 -5.27 7.16
N PRO B 6 -1.76 -5.61 8.42
CA PRO B 6 -2.72 -4.86 9.27
C PRO B 6 -2.19 -3.47 9.60
N TYR B 7 -2.97 -2.67 10.28
CA TYR B 7 -2.50 -1.30 10.63
C TYR B 7 -1.16 -1.37 11.36
N THR B 8 -0.26 -0.49 11.04
CA THR B 8 1.08 -0.50 11.71
C THR B 8 1.75 0.87 11.58
N VAL B 9 1.57 1.73 12.54
CA VAL B 9 2.20 3.08 12.46
C VAL B 9 1.80 3.79 11.17
N GLY B 10 2.12 5.04 11.04
CA GLY B 10 1.74 5.79 9.81
C GLY B 10 2.41 7.17 9.82
N PHE A 1 8.14 8.86 -8.47
CA PHE A 1 8.34 7.62 -9.27
C PHE A 1 7.01 7.13 -9.84
N GLU A 2 6.20 8.01 -10.35
CA GLU A 2 4.90 7.59 -10.92
C GLU A 2 5.11 6.49 -11.97
N ILE A 3 4.31 5.45 -11.92
CA ILE A 3 4.47 4.34 -12.90
C ILE A 3 3.65 4.64 -14.16
N PRO A 4 4.31 4.62 -15.31
CA PRO A 4 3.61 4.90 -16.58
C PRO A 4 2.76 3.70 -17.01
N ASP A 5 3.05 2.54 -16.48
CA ASP A 5 2.26 1.33 -16.86
C ASP A 5 0.76 1.60 -16.78
N ASP A 6 0.35 2.49 -15.92
CA ASP A 6 -1.10 2.80 -15.80
C ASP A 6 -1.33 3.99 -14.86
N VAL A 7 -1.37 3.74 -13.58
CA VAL A 7 -1.59 4.86 -12.61
C VAL A 7 -0.46 4.89 -11.57
N PRO A 8 -0.10 6.08 -11.16
CA PRO A 8 0.98 6.23 -10.16
C PRO A 8 0.49 5.82 -8.77
N LEU A 9 1.20 6.19 -7.74
CA LEU A 9 0.77 5.81 -6.36
C LEU A 9 -0.54 6.51 -6.00
N PRO A 10 -1.28 5.90 -5.11
CA PRO A 10 -2.59 6.47 -4.67
C PRO A 10 -2.37 7.81 -3.95
N ALA A 11 -3.26 8.75 -4.17
CA ALA A 11 -3.12 10.10 -3.53
C ALA A 11 -3.55 10.09 -2.06
N GLY A 12 -2.71 10.58 -1.19
CA GLY A 12 -3.05 10.59 0.25
C GLY A 12 -2.66 9.25 0.86
N TRP A 13 -1.63 8.66 0.32
CA TRP A 13 -1.18 7.33 0.85
C TRP A 13 0.28 7.40 1.31
N GLU A 14 0.83 6.28 1.68
CA GLU A 14 2.24 6.26 2.15
C GLU A 14 2.70 4.82 2.37
N MET A 15 2.98 4.10 1.31
CA MET A 15 3.43 2.67 1.44
C MET A 15 4.44 2.52 2.57
N ALA A 16 4.55 1.36 3.15
CA ALA A 16 5.51 1.18 4.28
C ALA A 16 6.07 -0.25 4.31
N LYS A 17 5.91 -0.99 3.25
CA LYS A 17 6.42 -2.39 3.24
C LYS A 17 5.86 -3.17 4.44
N THR A 18 6.11 -4.45 4.49
CA THR A 18 5.59 -5.26 5.63
C THR A 18 6.75 -5.75 6.51
N SER A 19 7.48 -4.84 7.11
CA SER A 19 8.63 -5.27 7.97
C SER A 19 9.54 -6.24 7.23
N ESD A 20 9.91 -5.91 6.01
CG ESD A 20 9.94 -8.06 4.96
SB ESD A 20 9.16 -7.89 3.33
CD ESD A 20 10.80 -6.82 5.24
C1 ESD A 20 9.94 -9.36 2.55
C ESD A 20 9.43 -9.83 1.24
O ESD A 20 9.17 -11.01 1.04
H ESD A 20 9.61 -5.06 5.63
HG1 ESD A 20 9.17 -8.15 5.71
HG2 ESD A 20 10.57 -8.94 4.97
HD2 ESD A 20 11.67 -7.09 5.82
HD1 ESD A 20 11.09 -6.35 4.31
HA2 ESD A 20 10.17 -10.13 3.42
HA1 ESD A 20 10.74 -9.10 2.05
N GLY A 21 9.28 -8.95 0.29
CA GLY A 21 8.78 -9.36 -1.05
C GLY A 21 7.26 -9.16 -1.10
N GLN A 22 6.78 -8.06 -0.59
CA GLN A 22 5.32 -7.80 -0.61
C GLN A 22 5.05 -6.33 -0.90
N ARG A 23 5.48 -5.44 -0.04
CA ARG A 23 5.25 -3.99 -0.26
C ARG A 23 3.75 -3.68 -0.34
N TYR A 24 3.36 -2.47 -0.04
CA TYR A 24 1.92 -2.12 -0.10
C TYR A 24 1.71 -0.62 0.10
N PHE A 25 0.65 -0.11 -0.43
CA PHE A 25 0.37 1.34 -0.26
C PHE A 25 -0.47 1.51 0.99
N LEU A 26 -0.02 2.33 1.87
CA LEU A 26 -0.74 2.54 3.14
C LEU A 26 -1.39 3.92 3.12
N ASN A 27 -2.35 4.19 3.97
CA ASN A 27 -2.99 5.53 3.93
C ASN A 27 -3.60 5.92 5.27
N HIS A 28 -3.50 7.18 5.62
CA HIS A 28 -4.10 7.65 6.90
C HIS A 28 -5.49 8.26 6.61
N ILE A 29 -6.10 7.85 5.52
CA ILE A 29 -7.44 8.38 5.16
C ILE A 29 -8.46 7.26 5.35
N ASP A 30 -8.34 6.23 4.56
CA ASP A 30 -9.25 5.07 4.67
C ASP A 30 -8.73 4.11 5.75
N GLN A 31 -7.56 4.36 6.30
CA GLN A 31 -7.00 3.48 7.35
C GLN A 31 -6.93 2.03 6.85
N THR A 32 -6.37 1.80 5.69
CA THR A 32 -6.28 0.42 5.17
C THR A 32 -5.38 0.37 3.94
N THR A 33 -4.86 -0.79 3.62
CA THR A 33 -3.98 -0.91 2.42
C THR A 33 -4.72 -1.67 1.33
N THR A 34 -4.79 -1.11 0.16
CA THR A 34 -5.52 -1.79 -0.96
C THR A 34 -4.70 -2.95 -1.53
N TRP A 35 -3.43 -3.05 -1.17
CA TRP A 35 -2.58 -4.16 -1.70
C TRP A 35 -2.39 -4.02 -3.21
N GLN A 36 -3.43 -4.24 -3.98
CA GLN A 36 -3.31 -4.11 -5.45
C GLN A 36 -4.40 -3.16 -5.98
N ASP A 37 -4.02 -2.14 -6.68
CA ASP A 37 -5.03 -1.17 -7.21
C ASP A 37 -4.35 -0.07 -8.05
N PRO A 38 -3.46 0.66 -7.43
CA PRO A 38 -2.75 1.75 -8.14
C PRO A 38 -1.78 1.18 -9.19
N ARG A 39 -0.85 0.36 -8.77
CA ARG A 39 0.11 -0.22 -9.76
C ARG A 39 1.07 -1.19 -9.06
N LYS A 40 0.57 -2.04 -8.21
CA LYS A 40 1.45 -3.00 -7.51
C LYS A 40 0.63 -3.96 -6.64
N NH2 A 41 0.78 -5.23 -6.77
HN1 NH2 A 41 1.41 -5.60 -7.43
HN2 NH2 A 41 0.25 -5.86 -6.23
N GLY B 1 -1.21 -18.32 3.25
CA GLY B 1 -0.96 -17.54 4.50
C GLY B 1 -0.64 -16.09 4.14
N THR B 2 -1.65 -15.31 3.84
CA THR B 2 -1.39 -13.88 3.47
C THR B 2 -2.34 -12.96 4.26
N PRO B 3 -2.00 -12.72 5.50
CA PRO B 3 -2.84 -11.84 6.35
C PRO B 3 -2.70 -10.38 5.92
N PRO B 4 -3.71 -9.59 6.20
CA PRO B 4 -3.68 -8.17 5.82
C PRO B 4 -2.72 -7.40 6.73
N PRO B 5 -2.04 -6.43 6.16
CA PRO B 5 -1.08 -5.60 6.94
C PRO B 5 -1.82 -4.64 7.87
N PRO B 6 -1.74 -4.88 9.15
CA PRO B 6 -2.42 -3.99 10.14
C PRO B 6 -1.70 -2.65 10.25
N TYR B 7 -1.68 -1.88 9.19
CA TYR B 7 -0.99 -0.57 9.24
C TYR B 7 0.45 -0.73 9.72
N THR B 8 1.12 0.35 10.01
CA THR B 8 2.53 0.25 10.49
C THR B 8 2.60 0.57 11.99
N VAL B 9 2.57 -0.43 12.82
CA VAL B 9 2.64 -0.18 14.29
C VAL B 9 4.08 -0.23 14.78
N GLY B 10 4.96 0.54 14.16
CA GLY B 10 6.38 0.51 14.59
C GLY B 10 6.62 1.59 15.65
N PHE A 1 -6.36 -1.23 -15.20
CA PHE A 1 -6.78 -2.02 -14.00
C PHE A 1 -5.72 -3.08 -13.67
N GLU A 2 -5.79 -3.66 -12.51
CA GLU A 2 -4.79 -4.70 -12.13
C GLU A 2 -3.38 -4.15 -12.30
N ILE A 3 -2.77 -3.70 -11.23
CA ILE A 3 -1.39 -3.14 -11.32
C ILE A 3 -0.40 -4.26 -11.69
N PRO A 4 0.36 -4.05 -12.75
CA PRO A 4 1.35 -5.06 -13.18
C PRO A 4 2.54 -5.10 -12.21
N ASP A 5 3.10 -3.96 -11.91
CA ASP A 5 4.26 -3.93 -10.98
C ASP A 5 4.60 -2.49 -10.60
N ASP A 6 4.50 -1.58 -11.54
CA ASP A 6 4.82 -0.16 -11.24
C ASP A 6 3.52 0.63 -11.02
N VAL A 7 2.88 1.01 -12.09
CA VAL A 7 1.61 1.79 -11.97
C VAL A 7 1.86 3.07 -11.16
N PRO A 8 0.90 3.97 -11.18
CA PRO A 8 1.04 5.24 -10.45
C PRO A 8 0.92 5.01 -8.94
N LEU A 9 0.68 6.06 -8.18
CA LEU A 9 0.56 5.90 -6.70
C LEU A 9 -0.54 6.83 -6.17
N PRO A 10 -1.26 6.36 -5.19
CA PRO A 10 -2.37 7.17 -4.61
C PRO A 10 -1.80 8.40 -3.86
N ALA A 11 -2.48 9.52 -3.96
CA ALA A 11 -2.00 10.78 -3.30
C ALA A 11 -2.39 10.82 -1.82
N GLY A 12 -1.46 11.11 -0.95
CA GLY A 12 -1.78 11.17 0.50
C GLY A 12 -1.62 9.78 1.08
N TRP A 13 -0.76 8.99 0.49
CA TRP A 13 -0.56 7.60 0.96
C TRP A 13 0.88 7.39 1.45
N GLU A 14 1.04 6.74 2.56
CA GLU A 14 2.40 6.49 3.09
C GLU A 14 2.70 4.99 3.05
N MET A 15 2.92 4.45 1.88
CA MET A 15 3.21 2.99 1.79
C MET A 15 4.35 2.61 2.74
N ALA A 16 4.04 1.90 3.78
CA ALA A 16 5.10 1.50 4.75
C ALA A 16 5.90 0.30 4.24
N LYS A 17 5.53 -0.25 3.11
CA LYS A 17 6.28 -1.43 2.57
C LYS A 17 6.20 -2.60 3.56
N THR A 18 6.25 -3.81 3.06
CA THR A 18 6.18 -4.98 3.97
C THR A 18 7.58 -5.42 4.39
N SER A 19 7.72 -5.95 5.57
CA SER A 19 9.07 -6.40 6.04
C SER A 19 9.71 -7.33 5.00
N ESD A 20 9.30 -8.56 4.96
CG ESD A 20 9.33 -10.88 4.36
SB ESD A 20 7.93 -11.30 3.30
CD ESD A 20 9.89 -9.51 3.97
C1 ESD A 20 8.83 -11.21 1.70
C ESD A 20 8.55 -10.07 0.78
O ESD A 20 8.27 -8.97 1.22
H ESD A 20 8.60 -8.87 5.57
HG1 ESD A 20 9.01 -10.85 5.39
HG2 ESD A 20 10.11 -11.63 4.25
HD2 ESD A 20 10.96 -9.50 4.04
HD1 ESD A 20 9.57 -9.25 2.97
HA2 ESD A 20 8.87 -12.32 1.28
HA1 ESD A 20 9.70 -10.81 1.81
N GLY A 21 8.65 -10.29 -0.50
CA GLY A 21 8.39 -9.18 -1.46
C GLY A 21 6.90 -8.88 -1.52
N GLN A 22 6.49 -7.76 -0.99
CA GLN A 22 5.03 -7.42 -1.02
C GLN A 22 4.84 -5.92 -1.30
N ARG A 23 5.21 -5.09 -0.36
CA ARG A 23 5.07 -3.61 -0.54
C ARG A 23 3.59 -3.23 -0.73
N TYR A 24 3.09 -2.30 0.03
CA TYR A 24 1.66 -1.90 -0.12
C TYR A 24 1.49 -0.42 0.16
N PHE A 25 0.45 0.16 -0.36
CA PHE A 25 0.23 1.61 -0.10
C PHE A 25 -0.75 1.78 1.05
N LEU A 26 -0.22 1.66 2.22
CA LEU A 26 -1.01 1.81 3.47
C LEU A 26 -2.00 2.98 3.36
N ASN A 27 -3.23 2.71 3.04
CA ASN A 27 -4.24 3.81 2.93
C ASN A 27 -4.57 4.36 4.32
N HIS A 28 -3.71 5.19 4.85
CA HIS A 28 -3.99 5.75 6.21
C HIS A 28 -4.76 7.07 6.11
N ILE A 29 -5.34 7.35 4.97
CA ILE A 29 -6.12 8.63 4.84
C ILE A 29 -7.60 8.36 5.05
N ASP A 30 -8.07 7.21 4.62
CA ASP A 30 -9.51 6.87 4.80
C ASP A 30 -9.70 5.34 4.76
N GLN A 31 -8.70 4.59 5.16
CA GLN A 31 -8.85 3.10 5.14
C GLN A 31 -7.61 2.43 5.74
N THR A 32 -7.30 1.24 5.29
CA THR A 32 -6.11 0.52 5.83
C THR A 32 -5.21 0.07 4.68
N THR A 33 -4.35 -0.89 4.93
CA THR A 33 -3.44 -1.36 3.84
C THR A 33 -4.27 -1.87 2.65
N THR A 34 -3.96 -1.42 1.47
CA THR A 34 -4.74 -1.88 0.28
C THR A 34 -4.43 -3.34 -0.04
N TRP A 35 -3.19 -3.73 0.06
CA TRP A 35 -2.81 -5.15 -0.24
C TRP A 35 -3.09 -5.49 -1.70
N GLN A 36 -4.34 -5.67 -2.05
CA GLN A 36 -4.68 -6.00 -3.47
C GLN A 36 -4.22 -4.86 -4.39
N ASP A 37 -5.00 -3.82 -4.47
CA ASP A 37 -4.63 -2.68 -5.34
C ASP A 37 -5.55 -1.47 -5.07
N PRO A 38 -4.96 -0.30 -4.98
CA PRO A 38 -5.77 0.92 -4.72
C PRO A 38 -6.56 1.32 -5.96
N ARG A 39 -7.04 2.53 -6.02
CA ARG A 39 -7.81 2.98 -7.21
C ARG A 39 -6.91 3.02 -8.46
N LYS A 40 -5.61 3.04 -8.26
CA LYS A 40 -4.69 3.07 -9.42
C LYS A 40 -5.03 4.26 -10.32
N NH2 A 41 -5.72 5.26 -9.84
HN1 NH2 A 41 -6.02 5.24 -8.91
HN2 NH2 A 41 -5.95 6.02 -10.41
N GLY B 1 0.70 -18.65 8.75
CA GLY B 1 1.61 -17.49 8.59
C GLY B 1 0.81 -16.28 8.10
N THR B 2 1.01 -15.88 6.87
CA THR B 2 0.25 -14.71 6.35
C THR B 2 0.44 -13.50 7.28
N PRO B 3 1.65 -13.02 7.38
CA PRO B 3 1.94 -11.85 8.25
C PRO B 3 1.39 -10.57 7.63
N PRO B 4 0.37 -10.01 8.24
CA PRO B 4 -0.23 -8.76 7.72
C PRO B 4 0.72 -7.57 7.94
N PRO B 5 0.43 -6.49 7.26
CA PRO B 5 1.28 -5.27 7.40
C PRO B 5 1.05 -4.61 8.77
N PRO B 6 2.04 -3.90 9.24
CA PRO B 6 1.93 -3.21 10.55
C PRO B 6 0.99 -2.01 10.45
N TYR B 7 -0.21 -2.13 10.95
CA TYR B 7 -1.17 -1.00 10.88
C TYR B 7 -2.46 -1.36 11.62
N THR B 8 -3.26 -2.23 11.06
CA THR B 8 -4.53 -2.61 11.73
C THR B 8 -5.06 -3.93 11.14
N VAL B 9 -5.63 -4.77 11.96
CA VAL B 9 -6.17 -6.06 11.43
C VAL B 9 -7.46 -5.81 10.65
N GLY B 10 -7.43 -6.03 9.36
CA GLY B 10 -8.65 -5.81 8.54
C GLY B 10 -8.61 -6.72 7.30
N PHE A 1 8.03 -6.75 -16.52
CA PHE A 1 8.17 -7.18 -15.10
C PHE A 1 8.65 -6.01 -14.24
N GLU A 2 8.51 -6.11 -12.94
CA GLU A 2 8.96 -5.00 -12.06
C GLU A 2 8.34 -3.67 -12.51
N ILE A 3 8.60 -2.61 -11.80
CA ILE A 3 8.03 -1.29 -12.19
C ILE A 3 9.13 -0.36 -12.72
N PRO A 4 8.78 0.45 -13.70
CA PRO A 4 9.77 1.38 -14.29
C PRO A 4 10.08 2.49 -13.27
N ASP A 5 10.17 3.73 -13.69
CA ASP A 5 10.47 4.82 -12.72
C ASP A 5 9.39 5.91 -12.80
N ASP A 6 8.17 5.54 -13.02
CA ASP A 6 7.08 6.55 -13.11
C ASP A 6 5.72 5.89 -12.86
N VAL A 7 5.31 5.77 -11.63
CA VAL A 7 4.00 5.13 -11.33
C VAL A 7 2.96 6.20 -10.96
N PRO A 8 1.70 5.83 -11.05
CA PRO A 8 0.61 6.78 -10.72
C PRO A 8 0.53 7.00 -9.21
N LEU A 9 0.52 5.93 -8.45
CA LEU A 9 0.43 6.04 -6.96
C LEU A 9 -0.87 6.75 -6.55
N PRO A 10 -1.38 6.41 -5.39
CA PRO A 10 -2.63 7.02 -4.90
C PRO A 10 -2.32 8.33 -4.16
N ALA A 11 -3.14 9.33 -4.35
CA ALA A 11 -2.91 10.66 -3.70
C ALA A 11 -3.28 10.65 -2.22
N GLY A 12 -2.38 11.11 -1.37
CA GLY A 12 -2.66 11.12 0.09
C GLY A 12 -2.34 9.75 0.65
N TRP A 13 -1.26 9.18 0.20
CA TRP A 13 -0.88 7.82 0.68
C TRP A 13 0.58 7.79 1.14
N GLU A 14 0.91 6.93 2.07
CA GLU A 14 2.31 6.83 2.55
C GLU A 14 2.77 5.38 2.51
N MET A 15 2.96 4.85 1.33
CA MET A 15 3.39 3.43 1.21
C MET A 15 4.54 3.09 2.16
N ALA A 16 4.33 2.09 2.96
CA ALA A 16 5.38 1.66 3.93
C ALA A 16 5.84 0.25 3.58
N LYS A 17 6.12 -0.58 4.54
CA LYS A 17 6.56 -1.97 4.23
C LYS A 17 6.12 -2.94 5.33
N THR A 18 5.56 -4.05 4.96
CA THR A 18 5.11 -5.04 5.98
C THR A 18 6.28 -5.43 6.89
N SER A 19 6.10 -6.44 7.69
CA SER A 19 7.19 -6.87 8.60
C SER A 19 8.32 -7.53 7.80
N ESD A 20 8.01 -8.03 6.63
CG ESD A 20 9.22 -7.78 4.58
SB ESD A 20 8.41 -8.54 3.15
CD ESD A 20 9.06 -8.69 5.80
C1 ESD A 20 8.28 -7.02 2.12
C ESD A 20 8.39 -7.14 0.64
O ESD A 20 9.12 -6.41 0.00
H ESD A 20 7.09 -7.97 6.30
HG1 ESD A 20 10.28 -7.63 4.38
HG2 ESD A 20 8.77 -6.82 4.78
HD2 ESD A 20 8.75 -9.67 5.49
HD1 ESD A 20 9.99 -8.74 6.35
HA2 ESD A 20 8.86 -6.17 2.70
HA1 ESD A 20 7.35 -6.80 1.96
N GLY A 21 7.66 -8.05 0.06
CA GLY A 21 7.72 -8.22 -1.42
C GLY A 21 6.49 -7.57 -2.05
N GLN A 22 5.32 -8.06 -1.75
CA GLN A 22 4.08 -7.47 -2.35
C GLN A 22 4.05 -5.96 -2.09
N ARG A 23 4.57 -5.52 -0.98
CA ARG A 23 4.57 -4.06 -0.66
C ARG A 23 3.14 -3.51 -0.73
N TYR A 24 2.95 -2.28 -0.34
CA TYR A 24 1.59 -1.68 -0.37
C TYR A 24 1.67 -0.17 -0.17
N PHE A 25 0.61 0.54 -0.43
CA PHE A 25 0.67 2.01 -0.26
C PHE A 25 0.04 2.47 1.05
N LEU A 26 -0.31 1.55 1.88
CA LEU A 26 -0.88 1.91 3.21
C LEU A 26 -2.03 2.92 3.07
N ASN A 27 -3.26 2.47 3.13
CA ASN A 27 -4.41 3.41 3.02
C ASN A 27 -4.66 4.06 4.39
N HIS A 28 -3.68 4.68 4.96
CA HIS A 28 -3.87 5.33 6.29
C HIS A 28 -4.76 6.56 6.15
N ILE A 29 -4.76 7.18 5.00
CA ILE A 29 -5.60 8.41 4.79
C ILE A 29 -7.02 8.17 5.32
N ASP A 30 -7.64 7.11 4.89
CA ASP A 30 -9.02 6.83 5.36
C ASP A 30 -9.36 5.35 5.19
N GLN A 31 -8.46 4.47 5.56
CA GLN A 31 -8.73 3.01 5.41
C GLN A 31 -7.58 2.19 6.01
N THR A 32 -7.35 1.01 5.48
CA THR A 32 -6.25 0.16 6.03
C THR A 32 -5.25 -0.20 4.92
N THR A 33 -4.13 -0.76 5.29
CA THR A 33 -3.12 -1.14 4.26
C THR A 33 -3.77 -1.98 3.15
N THR A 34 -3.54 -1.62 1.92
CA THR A 34 -4.13 -2.40 0.79
C THR A 34 -3.03 -2.82 -0.19
N TRP A 35 -3.12 -4.00 -0.72
CA TRP A 35 -2.07 -4.48 -1.66
C TRP A 35 -2.07 -3.65 -2.96
N GLN A 36 -2.91 -3.99 -3.90
CA GLN A 36 -2.94 -3.22 -5.17
C GLN A 36 -4.24 -2.43 -5.30
N ASP A 37 -4.38 -1.36 -4.57
CA ASP A 37 -5.63 -0.56 -4.65
C ASP A 37 -5.64 0.29 -5.93
N PRO A 38 -4.63 1.11 -6.09
CA PRO A 38 -4.54 1.97 -7.30
C PRO A 38 -4.17 1.14 -8.53
N ARG A 39 -3.72 1.77 -9.58
CA ARG A 39 -3.34 1.01 -10.80
C ARG A 39 -1.84 1.09 -11.03
N LYS A 40 -1.06 0.57 -10.12
CA LYS A 40 0.42 0.63 -10.29
C LYS A 40 0.92 -0.66 -10.95
N NH2 A 41 2.06 -0.65 -11.59
HN1 NH2 A 41 2.58 0.18 -11.64
HN2 NH2 A 41 2.39 -1.47 -12.02
N GLY B 1 3.16 -17.21 6.07
CA GLY B 1 2.24 -17.56 4.95
C GLY B 1 1.79 -16.28 4.25
N THR B 2 0.89 -15.55 4.84
CA THR B 2 0.42 -14.30 4.21
C THR B 2 0.09 -13.25 5.28
N PRO B 3 1.09 -12.88 6.04
CA PRO B 3 0.90 -11.87 7.12
C PRO B 3 0.72 -10.48 6.51
N PRO B 4 -0.47 -9.93 6.62
CA PRO B 4 -0.73 -8.58 6.07
C PRO B 4 -0.06 -7.50 6.92
N PRO B 5 0.19 -6.36 6.32
CA PRO B 5 0.85 -5.25 7.05
C PRO B 5 -0.13 -4.63 8.06
N PRO B 6 0.40 -4.22 9.19
CA PRO B 6 -0.46 -3.60 10.24
C PRO B 6 -0.88 -2.19 9.82
N TYR B 7 -1.51 -1.47 10.70
CA TYR B 7 -1.96 -0.10 10.35
C TYR B 7 -1.11 0.94 11.09
N THR B 8 -0.83 0.70 12.35
CA THR B 8 0.00 1.67 13.12
C THR B 8 -0.59 3.08 13.02
N VAL B 9 -1.54 3.39 13.86
CA VAL B 9 -2.16 4.74 13.81
C VAL B 9 -1.15 5.80 14.26
N GLY B 10 -0.16 6.07 13.46
CA GLY B 10 0.85 7.09 13.85
C GLY B 10 1.45 7.73 12.59
N PHE A 1 15.20 1.62 -13.07
CA PHE A 1 14.31 2.79 -13.34
C PHE A 1 12.96 2.61 -12.65
N GLU A 2 12.44 1.41 -12.68
CA GLU A 2 11.11 1.11 -12.03
C GLU A 2 10.11 2.26 -12.24
N ILE A 3 9.09 2.32 -11.43
CA ILE A 3 8.09 3.41 -11.59
C ILE A 3 8.78 4.78 -11.51
N PRO A 4 8.53 5.61 -12.50
CA PRO A 4 9.16 6.96 -12.51
C PRO A 4 8.51 7.87 -11.46
N ASP A 5 7.46 8.57 -11.79
CA ASP A 5 6.81 9.46 -10.80
C ASP A 5 5.54 10.09 -11.39
N ASP A 6 4.86 9.40 -12.26
CA ASP A 6 3.62 9.96 -12.85
C ASP A 6 2.45 9.79 -11.89
N VAL A 7 1.66 8.76 -12.05
CA VAL A 7 0.50 8.56 -11.12
C VAL A 7 0.00 7.10 -11.18
N PRO A 8 0.91 6.18 -11.04
CA PRO A 8 0.57 4.73 -11.07
C PRO A 8 -0.16 4.34 -9.77
N LEU A 9 0.40 4.69 -8.65
CA LEU A 9 -0.24 4.34 -7.35
C LEU A 9 -1.19 5.47 -6.92
N PRO A 10 -1.90 5.25 -5.83
CA PRO A 10 -2.88 6.28 -5.34
C PRO A 10 -2.18 7.57 -4.89
N ALA A 11 -2.95 8.59 -4.63
CA ALA A 11 -2.37 9.92 -4.22
C ALA A 11 -2.47 10.12 -2.71
N GLY A 12 -1.52 10.81 -2.12
CA GLY A 12 -1.56 11.04 -0.64
C GLY A 12 -1.79 9.70 0.07
N TRP A 13 -1.38 8.63 -0.57
CA TRP A 13 -1.57 7.29 0.03
C TRP A 13 -0.25 6.78 0.60
N GLU A 14 -0.13 6.75 1.91
CA GLU A 14 1.13 6.27 2.51
C GLU A 14 1.36 4.81 2.10
N MET A 15 2.59 4.41 1.93
CA MET A 15 2.85 3.00 1.54
C MET A 15 3.90 2.38 2.44
N ALA A 16 3.79 1.11 2.71
CA ALA A 16 4.78 0.45 3.60
C ALA A 16 4.76 -1.06 3.37
N LYS A 17 5.84 -1.72 3.69
CA LYS A 17 5.89 -3.20 3.49
C LYS A 17 5.50 -3.92 4.78
N THR A 18 5.25 -5.19 4.71
CA THR A 18 4.86 -5.95 5.94
C THR A 18 6.12 -6.51 6.63
N SER A 19 7.14 -5.72 6.74
CA SER A 19 8.39 -6.21 7.40
C SER A 19 9.43 -5.08 7.47
N ESD A 20 9.98 -4.70 6.34
CG ESD A 20 10.69 -2.78 5.10
SB ESD A 20 11.91 -3.16 3.81
CD ESD A 20 11.00 -3.61 6.34
C1 ESD A 20 10.87 -4.34 2.85
C ESD A 20 10.87 -4.26 1.36
O ESD A 20 11.43 -3.34 0.79
H ESD A 20 9.73 -5.13 5.50
HG1 ESD A 20 10.73 -1.73 5.34
HG2 ESD A 20 9.70 -3.03 4.73
HD2 ESD A 20 11.99 -4.02 6.30
HD1 ESD A 20 10.88 -3.00 7.24
HA2 ESD A 20 9.87 -4.46 3.44
HA1 ESD A 20 11.35 -5.18 2.72
N GLY A 21 10.26 -5.20 0.71
CA GLY A 21 10.22 -5.18 -0.78
C GLY A 21 8.81 -5.54 -1.26
N GLN A 22 7.81 -4.88 -0.76
CA GLN A 22 6.42 -5.19 -1.19
C GLN A 22 5.44 -4.21 -0.55
N ARG A 23 5.72 -2.94 -0.65
CA ARG A 23 4.80 -1.93 -0.04
C ARG A 23 3.36 -2.14 -0.53
N TYR A 24 2.41 -2.04 0.35
CA TYR A 24 0.99 -2.25 -0.07
C TYR A 24 0.22 -0.93 0.01
N PHE A 25 0.90 0.16 -0.17
CA PHE A 25 0.25 1.49 -0.12
C PHE A 25 -0.56 1.66 1.16
N LEU A 26 0.06 1.36 2.27
CA LEU A 26 -0.58 1.51 3.62
C LEU A 26 -1.44 2.79 3.66
N ASN A 27 -2.71 2.67 3.37
CA ASN A 27 -3.59 3.88 3.37
C ASN A 27 -3.52 4.60 4.71
N HIS A 28 -3.03 5.81 4.71
CA HIS A 28 -2.95 6.60 5.97
C HIS A 28 -4.04 7.67 6.00
N ILE A 29 -5.07 7.48 5.22
CA ILE A 29 -6.18 8.49 5.18
C ILE A 29 -7.48 7.81 5.64
N ASP A 30 -7.90 6.82 4.90
CA ASP A 30 -9.15 6.10 5.27
C ASP A 30 -8.83 4.92 6.20
N GLN A 31 -7.67 4.90 6.79
CA GLN A 31 -7.31 3.79 7.72
C GLN A 31 -7.50 2.44 7.02
N THR A 32 -6.62 2.09 6.12
CA THR A 32 -6.74 0.78 5.42
C THR A 32 -5.44 0.45 4.69
N THR A 33 -5.41 -0.63 3.96
CA THR A 33 -4.17 -1.00 3.22
C THR A 33 -4.51 -1.86 2.00
N THR A 34 -3.99 -1.49 0.85
CA THR A 34 -4.28 -2.28 -0.38
C THR A 34 -3.28 -3.43 -0.49
N TRP A 35 -2.94 -3.83 -1.69
CA TRP A 35 -1.97 -4.95 -1.85
C TRP A 35 -1.28 -4.86 -3.21
N GLN A 36 -1.93 -5.32 -4.24
CA GLN A 36 -1.32 -5.27 -5.59
C GLN A 36 -2.30 -4.67 -6.59
N ASP A 37 -3.23 -3.87 -6.13
CA ASP A 37 -4.21 -3.27 -7.08
C ASP A 37 -3.57 -2.08 -7.81
N PRO A 38 -3.18 -1.06 -7.07
CA PRO A 38 -2.55 0.11 -7.70
C PRO A 38 -1.08 -0.20 -8.04
N ARG A 39 -0.86 -1.21 -8.84
CA ARG A 39 0.55 -1.57 -9.20
C ARG A 39 1.16 -0.49 -10.09
N LYS A 40 0.86 -0.51 -11.36
CA LYS A 40 1.43 0.52 -12.28
C LYS A 40 0.45 0.82 -13.42
N NH2 A 41 0.02 2.04 -13.59
HN1 NH2 A 41 0.32 2.75 -12.98
HN2 NH2 A 41 -0.61 2.24 -14.31
N GLY B 1 -8.63 -12.66 1.41
CA GLY B 1 -8.11 -13.93 1.99
C GLY B 1 -6.70 -13.70 2.54
N THR B 2 -6.54 -12.72 3.38
CA THR B 2 -5.19 -12.44 3.96
C THR B 2 -5.29 -11.40 5.08
N PRO B 3 -4.44 -11.56 6.07
CA PRO B 3 -4.45 -10.61 7.22
C PRO B 3 -3.89 -9.25 6.80
N PRO B 4 -4.42 -8.20 7.40
CA PRO B 4 -3.95 -6.84 7.07
C PRO B 4 -2.56 -6.59 7.65
N PRO B 5 -1.79 -5.77 6.97
CA PRO B 5 -0.41 -5.46 7.44
C PRO B 5 -0.46 -4.54 8.67
N PRO B 6 0.55 -4.66 9.50
CA PRO B 6 0.60 -3.82 10.73
C PRO B 6 0.94 -2.36 10.37
N TYR B 7 0.28 -1.42 10.98
CA TYR B 7 0.57 0.01 10.68
C TYR B 7 2.07 0.29 10.84
N THR B 8 2.69 0.81 9.81
CA THR B 8 4.15 1.11 9.91
C THR B 8 4.92 -0.13 10.36
N VAL B 9 6.21 -0.03 10.45
CA VAL B 9 7.03 -1.20 10.89
C VAL B 9 6.90 -1.41 12.40
N GLY B 10 7.13 -2.60 12.88
CA GLY B 10 7.02 -2.84 14.34
C GLY B 10 5.60 -3.28 14.69
N PHE A 1 -0.78 0.86 -20.53
CA PHE A 1 0.59 1.07 -19.97
C PHE A 1 0.51 1.30 -18.45
N GLU A 2 1.63 1.34 -17.79
CA GLU A 2 1.63 1.56 -16.31
C GLU A 2 0.70 0.55 -15.63
N ILE A 3 0.61 0.60 -14.33
CA ILE A 3 -0.28 -0.37 -13.62
C ILE A 3 -1.75 -0.01 -13.86
N PRO A 4 -2.57 -1.03 -13.97
CA PRO A 4 -4.01 -0.81 -14.20
C PRO A 4 -4.72 -0.54 -12.86
N ASP A 5 -5.27 -1.56 -12.23
CA ASP A 5 -5.96 -1.36 -10.92
C ASP A 5 -6.90 -0.15 -10.96
N ASP A 6 -7.38 0.21 -12.14
CA ASP A 6 -8.29 1.40 -12.27
C ASP A 6 -7.53 2.70 -12.05
N VAL A 7 -6.90 2.82 -10.92
CA VAL A 7 -6.13 4.07 -10.61
C VAL A 7 -4.72 3.71 -10.14
N PRO A 8 -3.77 4.55 -10.48
CA PRO A 8 -2.36 4.31 -10.07
C PRO A 8 -2.22 4.49 -8.56
N LEU A 9 -1.03 4.75 -8.07
CA LEU A 9 -0.83 4.91 -6.59
C LEU A 9 -1.93 5.81 -6.00
N PRO A 10 -2.46 5.40 -4.87
CA PRO A 10 -3.54 6.20 -4.22
C PRO A 10 -2.99 7.53 -3.68
N ALA A 11 -3.82 8.54 -3.66
CA ALA A 11 -3.37 9.88 -3.18
C ALA A 11 -3.48 10.00 -1.66
N GLY A 12 -2.44 10.44 -1.00
CA GLY A 12 -2.50 10.59 0.48
C GLY A 12 -2.23 9.21 1.10
N TRP A 13 -1.29 8.50 0.54
CA TRP A 13 -0.98 7.15 1.07
C TRP A 13 0.51 7.00 1.37
N GLU A 14 0.86 6.65 2.58
CA GLU A 14 2.30 6.48 2.92
C GLU A 14 2.66 5.00 2.88
N MET A 15 2.69 4.42 1.71
CA MET A 15 3.02 2.97 1.60
C MET A 15 4.30 2.64 2.41
N ALA A 16 4.20 1.68 3.29
CA ALA A 16 5.38 1.33 4.13
C ALA A 16 6.00 -0.01 3.72
N LYS A 17 5.36 -0.74 2.84
CA LYS A 17 5.93 -2.05 2.41
C LYS A 17 6.07 -2.98 3.63
N THR A 18 6.12 -4.26 3.41
CA THR A 18 6.24 -5.20 4.55
C THR A 18 7.72 -5.51 4.85
N SER A 19 7.98 -6.44 5.73
CA SER A 19 9.40 -6.79 6.05
C SER A 19 10.18 -7.10 4.77
N ESD A 20 11.13 -6.28 4.43
CG ESD A 20 11.41 -5.51 2.18
SB ESD A 20 10.87 -6.36 0.67
CD ESD A 20 11.93 -6.54 3.19
C1 ESD A 20 9.73 -7.55 1.48
C ESD A 20 9.01 -8.55 0.64
O ESD A 20 8.67 -9.62 1.09
H ESD A 20 11.33 -5.50 4.98
HG1 ESD A 20 12.21 -4.82 1.94
HG2 ESD A 20 10.59 -4.97 2.60
HD2 ESD A 20 11.76 -7.54 2.83
HD1 ESD A 20 12.98 -6.38 3.39
HA2 ESD A 20 9.16 -6.96 2.32
HA1 ESD A 20 10.22 -8.31 1.82
N GLY A 21 8.76 -8.21 -0.60
CA GLY A 21 8.04 -9.17 -1.49
C GLY A 21 6.54 -8.87 -1.46
N GLN A 22 6.07 -8.25 -0.41
CA GLN A 22 4.61 -7.94 -0.33
C GLN A 22 4.41 -6.44 -0.10
N ARG A 23 5.06 -5.61 -0.86
CA ARG A 23 4.91 -4.13 -0.68
C ARG A 23 3.42 -3.77 -0.71
N TYR A 24 3.03 -2.79 0.08
CA TYR A 24 1.60 -2.40 0.10
C TYR A 24 1.46 -0.89 0.31
N PHE A 25 0.31 -0.35 0.03
CA PHE A 25 0.11 1.09 0.23
C PHE A 25 -0.59 1.33 1.56
N LEU A 26 -0.27 2.39 2.22
CA LEU A 26 -0.87 2.66 3.54
C LEU A 26 -1.39 4.09 3.61
N ASN A 27 -2.33 4.38 4.48
CA ASN A 27 -2.88 5.77 4.54
C ASN A 27 -3.77 5.98 5.76
N HIS A 28 -4.12 7.21 6.01
CA HIS A 28 -5.02 7.52 7.16
C HIS A 28 -6.36 8.01 6.60
N ILE A 29 -6.32 8.69 5.48
CA ILE A 29 -7.59 9.21 4.87
C ILE A 29 -8.63 8.09 4.79
N ASP A 30 -8.22 6.90 4.46
CA ASP A 30 -9.18 5.77 4.38
C ASP A 30 -8.79 4.68 5.38
N GLN A 31 -7.60 4.75 5.94
CA GLN A 31 -7.17 3.72 6.93
C GLN A 31 -7.28 2.31 6.32
N THR A 32 -6.54 2.04 5.28
CA THR A 32 -6.61 0.68 4.66
C THR A 32 -5.31 0.39 3.89
N THR A 33 -5.00 -0.86 3.69
CA THR A 33 -3.76 -1.20 2.95
C THR A 33 -4.09 -2.05 1.72
N THR A 34 -3.59 -1.65 0.58
CA THR A 34 -3.86 -2.42 -0.67
C THR A 34 -2.79 -3.50 -0.85
N TRP A 35 -3.01 -4.45 -1.72
CA TRP A 35 -1.99 -5.51 -1.94
C TRP A 35 -1.38 -5.40 -3.34
N GLN A 36 -0.32 -4.64 -3.47
CA GLN A 36 0.34 -4.49 -4.80
C GLN A 36 -0.71 -4.18 -5.88
N ASP A 37 -1.79 -3.56 -5.52
CA ASP A 37 -2.83 -3.25 -6.54
C ASP A 37 -2.48 -1.94 -7.27
N PRO A 38 -2.14 -0.91 -6.52
CA PRO A 38 -1.79 0.39 -7.11
C PRO A 38 -0.26 0.53 -7.25
N ARG A 39 0.19 1.25 -8.25
CA ARG A 39 1.66 1.46 -8.45
C ARG A 39 2.43 0.14 -8.27
N LYS A 40 2.67 -0.55 -9.35
CA LYS A 40 3.42 -1.83 -9.27
C LYS A 40 4.90 -1.60 -9.57
N NH2 A 41 5.78 -1.77 -8.62
HN1 NH2 A 41 5.49 -2.03 -7.72
HN2 NH2 A 41 6.74 -1.62 -8.80
N GLY B 1 2.85 -17.39 5.95
CA GLY B 1 1.47 -16.90 5.64
C GLY B 1 1.54 -15.44 5.20
N THR B 2 0.63 -15.02 4.36
CA THR B 2 0.64 -13.59 3.89
C THR B 2 0.70 -12.64 5.10
N PRO B 3 1.84 -12.01 5.29
CA PRO B 3 1.99 -11.08 6.43
C PRO B 3 1.21 -9.77 6.16
N PRO B 4 0.17 -9.56 6.92
CA PRO B 4 -0.66 -8.34 6.75
C PRO B 4 0.10 -7.11 7.25
N PRO B 5 -0.12 -6.00 6.59
CA PRO B 5 0.56 -4.74 6.98
C PRO B 5 -0.04 -4.18 8.28
N PRO B 6 0.74 -4.22 9.34
CA PRO B 6 0.26 -3.69 10.64
C PRO B 6 0.19 -2.17 10.61
N TYR B 7 -0.88 -1.60 11.11
CA TYR B 7 -1.00 -0.12 11.11
C TYR B 7 -1.77 0.35 12.34
N THR B 8 -2.85 -0.32 12.68
CA THR B 8 -3.63 0.08 13.88
C THR B 8 -3.80 -1.10 14.83
N VAL B 9 -3.86 -0.84 16.11
CA VAL B 9 -4.03 -1.95 17.09
C VAL B 9 -5.36 -1.81 17.82
N GLY B 10 -5.53 -0.76 18.58
CA GLY B 10 -6.80 -0.57 19.32
C GLY B 10 -7.78 0.23 18.46
N PHE A 1 11.63 -7.29 -13.39
CA PHE A 1 10.66 -7.57 -12.29
C PHE A 1 10.55 -6.36 -11.36
N GLU A 2 10.79 -5.18 -11.86
CA GLU A 2 10.71 -3.96 -11.01
C GLU A 2 9.25 -3.53 -10.85
N ILE A 3 8.82 -3.29 -9.64
CA ILE A 3 7.41 -2.86 -9.42
C ILE A 3 7.19 -1.35 -9.67
N PRO A 4 8.20 -0.51 -9.53
CA PRO A 4 7.97 0.94 -9.76
C PRO A 4 7.86 1.23 -11.26
N ASP A 5 8.95 1.57 -11.91
CA ASP A 5 8.88 1.87 -13.37
C ASP A 5 7.77 2.89 -13.64
N ASP A 6 7.92 4.09 -13.12
CA ASP A 6 6.88 5.14 -13.33
C ASP A 6 5.52 4.65 -12.83
N VAL A 7 5.21 4.86 -11.58
CA VAL A 7 3.90 4.40 -11.03
C VAL A 7 3.04 5.61 -10.64
N PRO A 8 1.75 5.48 -10.84
CA PRO A 8 0.82 6.57 -10.48
C PRO A 8 0.67 6.66 -8.97
N LEU A 9 0.52 5.54 -8.30
CA LEU A 9 0.37 5.54 -6.82
C LEU A 9 -0.86 6.36 -6.40
N PRO A 10 -1.39 6.06 -5.24
CA PRO A 10 -2.57 6.79 -4.74
C PRO A 10 -2.17 8.14 -4.14
N ALA A 11 -3.04 9.12 -4.22
CA ALA A 11 -2.70 10.48 -3.69
C ALA A 11 -3.07 10.61 -2.21
N GLY A 12 -2.16 11.10 -1.41
CA GLY A 12 -2.45 11.26 0.04
C GLY A 12 -2.21 9.93 0.73
N TRP A 13 -1.18 9.23 0.34
CA TRP A 13 -0.89 7.91 0.94
C TRP A 13 0.53 7.86 1.51
N GLU A 14 0.84 6.84 2.27
CA GLU A 14 2.21 6.72 2.85
C GLU A 14 2.66 5.26 2.81
N MET A 15 2.84 4.71 1.64
CA MET A 15 3.28 3.29 1.52
C MET A 15 4.44 2.99 2.49
N ALA A 16 4.54 1.78 2.96
CA ALA A 16 5.64 1.43 3.90
C ALA A 16 6.11 -0.01 3.68
N LYS A 17 5.78 -0.59 2.56
CA LYS A 17 6.21 -2.00 2.29
C LYS A 17 5.85 -2.90 3.47
N THR A 18 6.26 -4.14 3.42
CA THR A 18 5.95 -5.08 4.55
C THR A 18 7.23 -5.58 5.20
N SER A 19 7.12 -6.45 6.16
CA SER A 19 8.33 -6.98 6.84
C SER A 19 8.52 -8.46 6.50
N ESD A 20 9.34 -8.75 5.52
CG ESD A 20 10.67 -10.13 4.10
SB ESD A 20 10.89 -11.78 3.37
CD ESD A 20 9.57 -10.18 5.15
C1 ESD A 20 9.53 -11.65 2.13
C ESD A 20 9.72 -10.78 0.95
O ESD A 20 10.83 -10.41 0.61
H ESD A 20 9.81 -8.04 5.04
HG1 ESD A 20 11.61 -9.83 4.57
HG2 ESD A 20 10.42 -9.44 3.32
HD2 ESD A 20 8.66 -10.61 4.73
HD1 ESD A 20 9.88 -10.75 6.01
HA2 ESD A 20 8.51 -11.64 2.74
HA1 ESD A 20 9.59 -12.39 1.50
N GLY A 21 8.66 -10.42 0.29
CA GLY A 21 8.78 -9.53 -0.91
C GLY A 21 7.43 -8.88 -1.21
N GLN A 22 6.69 -8.53 -0.19
CA GLN A 22 5.37 -7.89 -0.42
C GLN A 22 5.46 -6.38 -0.23
N ARG A 23 4.39 -5.67 -0.44
CA ARG A 23 4.43 -4.18 -0.27
C ARG A 23 3.03 -3.60 -0.47
N TYR A 24 2.76 -2.48 0.12
CA TYR A 24 1.41 -1.85 -0.04
C TYR A 24 1.53 -0.33 -0.06
N PHE A 25 0.43 0.35 0.06
CA PHE A 25 0.48 1.83 0.06
C PHE A 25 -0.08 2.38 1.36
N LEU A 26 -0.59 1.52 2.20
CA LEU A 26 -1.12 1.96 3.51
C LEU A 26 -2.17 3.06 3.33
N ASN A 27 -3.42 2.71 3.43
CA ASN A 27 -4.51 3.73 3.24
C ASN A 27 -4.83 4.41 4.58
N HIS A 28 -3.83 4.75 5.34
CA HIS A 28 -4.09 5.42 6.66
C HIS A 28 -4.93 6.67 6.42
N ILE A 29 -4.83 7.26 5.26
CA ILE A 29 -5.62 8.49 4.97
C ILE A 29 -7.09 8.31 5.36
N ASP A 30 -7.70 7.26 4.89
CA ASP A 30 -9.13 7.03 5.22
C ASP A 30 -9.42 5.56 5.50
N GLN A 31 -8.78 4.65 4.81
CA GLN A 31 -9.05 3.19 5.06
C GLN A 31 -7.81 2.49 5.62
N THR A 32 -7.60 1.25 5.27
CA THR A 32 -6.42 0.51 5.80
C THR A 32 -5.49 0.09 4.66
N THR A 33 -4.38 -0.53 4.98
CA THR A 33 -3.43 -0.96 3.93
C THR A 33 -4.15 -1.72 2.81
N THR A 34 -3.64 -1.61 1.60
CA THR A 34 -4.28 -2.32 0.46
C THR A 34 -3.20 -2.81 -0.51
N TRP A 35 -3.08 -4.11 -0.67
CA TRP A 35 -2.04 -4.65 -1.59
C TRP A 35 -2.14 -3.98 -2.97
N GLN A 36 -3.11 -4.36 -3.76
CA GLN A 36 -3.25 -3.75 -5.11
C GLN A 36 -4.44 -2.78 -5.12
N ASP A 37 -4.34 -1.72 -5.89
CA ASP A 37 -5.46 -0.73 -5.96
C ASP A 37 -5.10 0.40 -6.93
N PRO A 38 -4.02 1.09 -6.65
CA PRO A 38 -3.58 2.20 -7.53
C PRO A 38 -3.00 1.65 -8.83
N ARG A 39 -2.36 0.50 -8.77
CA ARG A 39 -1.77 -0.09 -10.00
C ARG A 39 -1.19 -1.47 -9.69
N LYS A 40 -0.35 -1.57 -8.69
CA LYS A 40 0.24 -2.89 -8.35
C LYS A 40 -0.25 -3.35 -6.97
N NH2 A 41 -0.53 -4.61 -6.78
HN1 NH2 A 41 -0.42 -5.25 -7.50
HN2 NH2 A 41 -0.84 -4.90 -5.89
N GLY B 1 -6.86 -17.16 5.64
CA GLY B 1 -5.61 -17.17 6.46
C GLY B 1 -4.61 -16.19 5.86
N THR B 2 -4.63 -14.96 6.30
CA THR B 2 -3.67 -13.96 5.76
C THR B 2 -3.80 -12.63 6.52
N PRO B 3 -2.97 -12.47 7.52
CA PRO B 3 -3.02 -11.22 8.34
C PRO B 3 -2.43 -10.05 7.53
N PRO B 4 -3.28 -9.12 7.17
CA PRO B 4 -2.83 -7.94 6.39
C PRO B 4 -2.01 -6.99 7.27
N PRO B 5 -1.28 -6.11 6.64
CA PRO B 5 -0.43 -5.14 7.39
C PRO B 5 -1.32 -4.07 8.06
N PRO B 6 -1.37 -4.12 9.38
CA PRO B 6 -2.20 -3.13 10.12
C PRO B 6 -1.52 -1.75 10.13
N TYR B 7 -2.09 -0.81 10.80
CA TYR B 7 -1.48 0.56 10.86
C TYR B 7 -0.14 0.51 11.58
N THR B 8 0.37 1.63 11.99
CA THR B 8 1.69 1.65 12.70
C THR B 8 2.76 0.93 11.88
N VAL B 9 3.57 1.66 11.18
CA VAL B 9 4.63 1.01 10.36
C VAL B 9 5.85 0.70 11.22
N GLY B 10 6.03 -0.54 11.59
CA GLY B 10 7.20 -0.91 12.44
C GLY B 10 8.28 -1.54 11.56
N PHE A 1 16.92 -0.13 -3.98
CA PHE A 1 16.36 1.01 -4.78
C PHE A 1 14.84 1.00 -4.70
N GLU A 2 14.28 1.57 -3.67
CA GLU A 2 12.79 1.61 -3.55
C GLU A 2 12.17 2.20 -4.81
N ILE A 3 11.00 1.75 -5.18
CA ILE A 3 10.35 2.30 -6.41
C ILE A 3 10.16 3.82 -6.27
N PRO A 4 10.58 4.56 -7.26
CA PRO A 4 10.43 6.03 -7.23
C PRO A 4 8.98 6.43 -7.48
N ASP A 5 8.46 6.06 -8.63
CA ASP A 5 7.04 6.40 -8.95
C ASP A 5 6.70 5.94 -10.37
N ASP A 6 6.82 6.80 -11.36
CA ASP A 6 6.51 6.39 -12.77
C ASP A 6 5.19 5.62 -12.84
N VAL A 7 4.31 5.85 -11.90
CA VAL A 7 3.00 5.12 -11.92
C VAL A 7 1.93 5.95 -11.20
N PRO A 8 0.68 5.60 -11.42
CA PRO A 8 -0.44 6.34 -10.78
C PRO A 8 -0.51 6.05 -9.28
N LEU A 9 0.54 6.34 -8.56
CA LEU A 9 0.52 6.10 -7.09
C LEU A 9 -0.67 6.84 -6.46
N PRO A 10 -1.23 6.27 -5.42
CA PRO A 10 -2.40 6.92 -4.76
C PRO A 10 -1.98 8.24 -4.10
N ALA A 11 -2.79 9.27 -4.23
CA ALA A 11 -2.46 10.60 -3.67
C ALA A 11 -2.85 10.72 -2.20
N GLY A 12 -1.97 11.21 -1.37
CA GLY A 12 -2.29 11.35 0.08
C GLY A 12 -2.04 10.00 0.74
N TRP A 13 -1.02 9.32 0.31
CA TRP A 13 -0.72 7.98 0.87
C TRP A 13 0.69 7.94 1.46
N GLU A 14 1.09 6.79 1.95
CA GLU A 14 2.47 6.67 2.53
C GLU A 14 2.87 5.19 2.56
N MET A 15 3.22 4.62 1.44
CA MET A 15 3.61 3.19 1.42
C MET A 15 4.68 2.90 2.47
N ALA A 16 4.50 1.84 3.22
CA ALA A 16 5.49 1.50 4.28
C ALA A 16 6.10 0.12 4.03
N LYS A 17 5.70 -0.55 2.98
CA LYS A 17 6.27 -1.90 2.70
C LYS A 17 6.04 -2.80 3.91
N THR A 18 6.31 -4.07 3.75
CA THR A 18 6.11 -5.01 4.89
C THR A 18 7.46 -5.48 5.43
N SER A 19 7.48 -6.02 6.62
CA SER A 19 8.77 -6.50 7.19
C SER A 19 9.07 -7.93 6.74
N ESD A 20 10.25 -8.41 6.98
CG ESD A 20 11.69 -9.62 5.50
SB ESD A 20 11.39 -10.75 4.12
CD ESD A 20 10.60 -9.79 6.55
C1 ESD A 20 10.11 -9.75 3.28
C ESD A 20 9.72 -10.10 1.88
O ESD A 20 9.89 -11.23 1.44
H ESD A 20 10.92 -7.86 7.44
HG1 ESD A 20 12.66 -9.84 5.94
HG2 ESD A 20 11.69 -8.60 5.14
HD2 ESD A 20 9.74 -10.28 6.12
HD1 ESD A 20 10.97 -10.36 7.39
HA2 ESD A 20 10.30 -8.63 3.58
HA1 ESD A 20 9.21 -10.07 3.51
N GLY A 21 9.18 -9.17 1.15
CA GLY A 21 8.78 -9.46 -0.26
C GLY A 21 7.43 -8.79 -0.54
N GLN A 22 6.65 -8.54 0.48
CA GLN A 22 5.32 -7.89 0.26
C GLN A 22 5.46 -6.37 0.32
N ARG A 23 4.42 -5.65 0.00
CA ARG A 23 4.50 -4.17 0.03
C ARG A 23 3.13 -3.56 -0.26
N TYR A 24 2.91 -2.35 0.19
CA TYR A 24 1.59 -1.69 -0.06
C TYR A 24 1.73 -0.18 0.12
N PHE A 25 0.73 0.56 -0.27
CA PHE A 25 0.83 2.04 -0.15
C PHE A 25 0.17 2.54 1.13
N LEU A 26 -0.21 1.65 1.97
CA LEU A 26 -0.80 2.04 3.28
C LEU A 26 -1.88 3.12 3.10
N ASN A 27 -3.12 2.73 3.02
CA ASN A 27 -4.22 3.73 2.85
C ASN A 27 -4.53 4.40 4.19
N HIS A 28 -3.55 5.00 4.82
CA HIS A 28 -3.82 5.67 6.12
C HIS A 28 -4.97 6.67 5.98
N ILE A 29 -5.03 7.37 4.87
CA ILE A 29 -6.13 8.35 4.67
C ILE A 29 -7.49 7.70 4.98
N ASP A 30 -7.65 6.46 4.64
CA ASP A 30 -8.93 5.76 4.94
C ASP A 30 -8.82 4.96 6.24
N GLN A 31 -8.49 3.68 6.17
CA GLN A 31 -8.37 2.87 7.42
C GLN A 31 -7.94 1.44 7.08
N THR A 32 -7.06 1.28 6.14
CA THR A 32 -6.61 -0.10 5.75
C THR A 32 -5.55 -0.01 4.66
N THR A 33 -5.34 -1.06 3.92
CA THR A 33 -4.32 -1.00 2.83
C THR A 33 -4.91 -1.57 1.53
N THR A 34 -4.89 -0.80 0.49
CA THR A 34 -5.45 -1.29 -0.81
C THR A 34 -4.68 -2.52 -1.30
N TRP A 35 -3.51 -2.77 -0.75
CA TRP A 35 -2.72 -3.97 -1.15
C TRP A 35 -2.42 -3.96 -2.65
N GLN A 36 -2.25 -5.12 -3.22
CA GLN A 36 -1.93 -5.21 -4.69
C GLN A 36 -2.97 -4.46 -5.53
N ASP A 37 -2.59 -3.33 -6.06
CA ASP A 37 -3.54 -2.55 -6.93
C ASP A 37 -2.84 -1.29 -7.43
N PRO A 38 -2.28 -0.52 -6.53
CA PRO A 38 -1.57 0.71 -6.90
C PRO A 38 -0.06 0.44 -7.05
N ARG A 39 0.32 -0.81 -7.16
CA ARG A 39 1.77 -1.14 -7.30
C ARG A 39 2.41 -0.31 -8.41
N LYS A 40 2.28 -0.72 -9.63
CA LYS A 40 2.88 0.05 -10.75
C LYS A 40 2.24 -0.35 -12.08
N NH2 A 41 1.12 0.24 -12.45
HN1 NH2 A 41 0.72 0.91 -11.87
HN2 NH2 A 41 0.71 -0.01 -13.29
N GLY B 1 2.78 -17.46 2.91
CA GLY B 1 3.44 -16.44 3.76
C GLY B 1 3.04 -15.04 3.29
N THR B 2 1.77 -14.76 3.25
CA THR B 2 1.31 -13.42 2.81
C THR B 2 0.37 -12.79 3.85
N PRO B 3 0.94 -12.49 5.00
CA PRO B 3 0.12 -11.88 6.09
C PRO B 3 -0.21 -10.43 5.76
N PRO B 4 -1.28 -9.94 6.34
CA PRO B 4 -1.71 -8.53 6.09
C PRO B 4 -0.75 -7.55 6.79
N PRO B 5 -0.78 -6.32 6.33
CA PRO B 5 0.11 -5.29 6.93
C PRO B 5 -0.39 -4.89 8.32
N PRO B 6 0.53 -4.54 9.19
CA PRO B 6 0.16 -4.14 10.57
C PRO B 6 -0.52 -2.77 10.57
N TYR B 7 -1.70 -2.68 11.11
CA TYR B 7 -2.42 -1.38 11.15
C TYR B 7 -3.72 -1.50 11.94
N THR B 8 -4.49 -0.45 12.02
CA THR B 8 -5.76 -0.52 12.78
C THR B 8 -6.63 -1.67 12.26
N VAL B 9 -7.71 -1.96 12.93
CA VAL B 9 -8.59 -3.07 12.47
C VAL B 9 -9.81 -2.52 11.74
N GLY B 10 -10.46 -3.33 10.95
CA GLY B 10 -11.66 -2.86 10.20
C GLY B 10 -12.37 -4.04 9.56
N PHE A 1 1.60 -0.42 -16.66
CA PHE A 1 2.01 0.97 -16.35
C PHE A 1 3.50 1.02 -15.99
N GLU A 2 3.98 2.16 -15.56
CA GLU A 2 5.42 2.27 -15.19
C GLU A 2 5.57 2.30 -13.66
N ILE A 3 6.78 2.22 -13.18
CA ILE A 3 6.99 2.25 -11.70
C ILE A 3 8.46 2.59 -11.36
N PRO A 4 8.96 3.62 -11.98
CA PRO A 4 10.36 4.07 -11.74
C PRO A 4 10.55 4.49 -10.27
N ASP A 5 10.29 5.72 -9.94
CA ASP A 5 10.45 6.17 -8.53
C ASP A 5 9.28 7.05 -8.10
N ASP A 6 8.84 7.93 -8.97
CA ASP A 6 7.70 8.82 -8.62
C ASP A 6 6.38 8.18 -9.04
N VAL A 7 6.13 6.97 -8.61
CA VAL A 7 4.87 6.28 -8.99
C VAL A 7 3.66 7.18 -8.65
N PRO A 8 2.65 7.13 -9.48
CA PRO A 8 1.43 7.94 -9.24
C PRO A 8 0.63 7.39 -8.08
N LEU A 9 1.19 7.39 -6.89
CA LEU A 9 0.46 6.85 -5.72
C LEU A 9 -0.91 7.56 -5.59
N PRO A 10 -1.87 6.84 -5.06
CA PRO A 10 -3.23 7.42 -4.91
C PRO A 10 -3.28 8.52 -3.86
N ALA A 11 -3.89 9.64 -4.20
CA ALA A 11 -4.03 10.80 -3.26
C ALA A 11 -2.83 10.93 -2.29
N GLY A 12 -3.08 11.48 -1.13
CA GLY A 12 -1.98 11.62 -0.12
C GLY A 12 -1.85 10.30 0.63
N TRP A 13 -1.64 9.24 -0.08
CA TRP A 13 -1.53 7.90 0.59
C TRP A 13 -0.12 7.68 1.15
N GLU A 14 -0.01 6.79 2.09
CA GLU A 14 1.32 6.48 2.67
C GLU A 14 1.65 5.02 2.34
N MET A 15 2.85 4.72 1.97
CA MET A 15 3.16 3.31 1.65
C MET A 15 4.31 2.79 2.51
N ALA A 16 4.09 1.68 3.15
CA ALA A 16 5.14 1.11 4.04
C ALA A 16 5.47 -0.32 3.61
N LYS A 17 6.25 -1.02 4.39
CA LYS A 17 6.61 -2.42 4.01
C LYS A 17 6.17 -3.39 5.11
N THR A 18 5.72 -4.56 4.73
CA THR A 18 5.27 -5.55 5.75
C THR A 18 6.48 -6.14 6.48
N SER A 19 6.37 -6.36 7.76
CA SER A 19 7.51 -6.94 8.52
C SER A 19 7.75 -8.39 8.09
N ESD A 20 8.99 -8.79 8.00
CG ESD A 20 8.86 -10.28 6.11
SB ESD A 20 10.16 -9.54 5.08
CD ESD A 20 9.29 -10.19 7.59
C1 ESD A 20 9.08 -8.38 4.16
C ESD A 20 8.67 -8.71 2.78
O ESD A 20 8.11 -9.77 2.51
H ESD A 20 9.72 -8.18 8.21
HG1 ESD A 20 7.94 -9.73 5.99
HG2 ESD A 20 8.72 -11.30 5.84
HD2 ESD A 20 8.71 -10.89 8.18
HD1 ESD A 20 10.34 -10.40 7.69
HA2 ESD A 20 9.45 -7.29 4.43
HA1 ESD A 20 8.14 -8.53 4.38
N GLY A 21 8.93 -7.85 1.84
CA GLY A 21 8.55 -8.13 0.43
C GLY A 21 7.09 -7.73 0.20
N GLN A 22 6.64 -7.76 -1.02
CA GLN A 22 5.22 -7.38 -1.30
C GLN A 22 4.91 -6.01 -0.70
N ARG A 23 5.44 -4.96 -1.28
CA ARG A 23 5.18 -3.60 -0.75
C ARG A 23 3.71 -3.22 -0.94
N TYR A 24 3.30 -2.09 -0.46
CA TYR A 24 1.88 -1.68 -0.62
C TYR A 24 1.72 -0.21 -0.22
N PHE A 25 0.55 0.34 -0.43
CA PHE A 25 0.35 1.77 -0.08
C PHE A 25 -0.44 1.89 1.22
N LEU A 26 0.22 1.61 2.31
CA LEU A 26 -0.40 1.71 3.66
C LEU A 26 -1.27 2.98 3.79
N ASN A 27 -2.52 2.91 3.42
CA ASN A 27 -3.40 4.11 3.50
C ASN A 27 -3.49 4.63 4.93
N HIS A 28 -3.43 5.93 5.08
CA HIS A 28 -3.54 6.54 6.43
C HIS A 28 -4.62 7.64 6.40
N ILE A 29 -5.50 7.57 5.44
CA ILE A 29 -6.59 8.60 5.35
C ILE A 29 -7.94 7.90 5.47
N ASP A 30 -8.17 6.95 4.62
CA ASP A 30 -9.47 6.21 4.66
C ASP A 30 -9.34 4.95 5.55
N GLN A 31 -8.53 4.00 5.13
CA GLN A 31 -8.38 2.77 5.94
C GLN A 31 -6.89 2.37 6.06
N THR A 32 -6.47 1.27 5.45
CA THR A 32 -5.04 0.89 5.57
C THR A 32 -4.61 0.02 4.38
N THR A 33 -3.35 0.09 4.05
CA THR A 33 -2.78 -0.71 2.90
C THR A 33 -3.77 -0.81 1.73
N THR A 34 -3.61 -1.79 0.88
CA THR A 34 -4.52 -1.93 -0.27
C THR A 34 -4.71 -3.42 -0.61
N TRP A 35 -3.64 -4.13 -0.83
CA TRP A 35 -3.74 -5.58 -1.15
C TRP A 35 -4.68 -5.78 -2.35
N GLN A 36 -4.81 -4.78 -3.19
CA GLN A 36 -5.70 -4.92 -4.37
C GLN A 36 -5.19 -4.05 -5.53
N ASP A 37 -3.94 -3.66 -5.49
CA ASP A 37 -3.39 -2.82 -6.59
C ASP A 37 -4.29 -1.60 -6.83
N PRO A 38 -4.07 -0.56 -6.06
CA PRO A 38 -4.88 0.68 -6.21
C PRO A 38 -4.51 1.41 -7.50
N ARG A 39 -3.29 1.25 -7.96
CA ARG A 39 -2.87 1.93 -9.22
C ARG A 39 -1.67 1.21 -9.83
N LYS A 40 -0.67 0.91 -9.04
CA LYS A 40 0.53 0.22 -9.58
C LYS A 40 1.40 -0.30 -8.43
N NH2 A 41 1.97 -1.47 -8.53
HN1 NH2 A 41 1.82 -2.02 -9.34
HN2 NH2 A 41 2.52 -1.81 -7.81
N GLY B 1 -0.92 -18.45 2.57
CA GLY B 1 -1.62 -17.59 3.56
C GLY B 1 -1.44 -16.12 3.17
N THR B 2 -2.38 -15.28 3.51
CA THR B 2 -2.27 -13.83 3.16
C THR B 2 -2.11 -12.99 4.43
N PRO B 3 -0.87 -12.63 4.72
CA PRO B 3 -0.60 -11.82 5.94
C PRO B 3 -1.09 -10.37 5.73
N PRO B 4 -2.11 -10.00 6.46
CA PRO B 4 -2.66 -8.62 6.34
C PRO B 4 -1.71 -7.61 7.01
N PRO B 5 -1.16 -6.72 6.22
CA PRO B 5 -0.23 -5.70 6.76
C PRO B 5 -1.01 -4.65 7.58
N PRO B 6 -0.79 -4.66 8.87
CA PRO B 6 -1.49 -3.68 9.76
C PRO B 6 -0.91 -2.28 9.57
N TYR B 7 -1.25 -1.36 10.43
CA TYR B 7 -0.72 0.02 10.30
C TYR B 7 0.80 0.03 10.44
N THR B 8 1.39 1.17 10.67
CA THR B 8 2.87 1.25 10.82
C THR B 8 3.23 1.82 12.19
N VAL B 9 4.34 1.43 12.73
CA VAL B 9 4.75 1.96 14.06
C VAL B 9 6.27 1.96 14.20
N GLY B 10 6.97 2.06 13.09
CA GLY B 10 8.46 2.06 13.15
C GLY B 10 9.02 1.37 11.90
#